data_4EQ9
#
_entry.id   4EQ9
#
_cell.length_a   41.801
_cell.length_b   42.391
_cell.length_c   74.248
_cell.angle_alpha   90.00
_cell.angle_beta   94.70
_cell.angle_gamma   90.00
#
_symmetry.space_group_name_H-M   'P 1 21 1'
#
loop_
_entity.id
_entity.type
_entity.pdbx_description
1 polymer 'ABC transporter substrate-binding protein-amino acid transport'
2 non-polymer GLUTATHIONE
3 water water
#
_entity_poly.entity_id   1
_entity_poly.type   'polypeptide(L)'
_entity_poly.pdbx_seq_one_letter_code
;SNAAASKKEIIVATNGSPRPFIYEENGELTGYEIEVVRAIFKDSDKYDVKFEKTEWSGVFAGLDADRYNMAVNNLSYTKE
RAEKYLYAAPIAQNPNVLVVKKDDSSIKSLDDIGGKSTEVVQATTSAKQLEAYNAEHTDNPTILNYTKADFQQIMVRLSD
GQFDYKIFDKIGVETVIKNQGLDNLKVIELPSDQQPYVYPLLAQGQDELKSFVDKRIKELYKDGTLEKLSKQFFGDTYLP
AEADIK
;
_entity_poly.pdbx_strand_id   A
#
loop_
_chem_comp.id
_chem_comp.type
_chem_comp.name
_chem_comp.formula
GSH non-polymer GLUTATHIONE 'C10 H17 N3 O6 S'
#
# COMPACT_ATOMS: atom_id res chain seq x y z
N LYS A 7 27.46 -11.29 -7.82
CA LYS A 7 25.98 -11.45 -7.96
C LYS A 7 25.34 -10.21 -8.58
N LYS A 8 24.08 -10.36 -9.00
CA LYS A 8 23.35 -9.23 -9.56
C LYS A 8 22.63 -8.50 -8.43
N GLU A 9 22.87 -7.19 -8.34
CA GLU A 9 22.24 -6.36 -7.32
C GLU A 9 20.85 -5.96 -7.77
N ILE A 10 19.88 -6.19 -6.89
CA ILE A 10 18.49 -5.85 -7.14
C ILE A 10 18.15 -4.73 -6.18
N ILE A 11 17.76 -3.59 -6.72
N ILE A 11 17.76 -3.58 -6.72
CA ILE A 11 17.39 -2.43 -5.91
CA ILE A 11 17.39 -2.45 -5.88
C ILE A 11 15.88 -2.38 -5.78
C ILE A 11 15.88 -2.38 -5.78
N VAL A 12 15.40 -2.39 -4.54
CA VAL A 12 13.99 -2.35 -4.23
C VAL A 12 13.70 -0.98 -3.60
N ALA A 13 12.83 -0.21 -4.24
CA ALA A 13 12.49 1.13 -3.78
C ALA A 13 11.21 1.12 -2.95
N THR A 14 11.11 2.10 -2.05
CA THR A 14 9.91 2.31 -1.23
C THR A 14 9.95 3.72 -0.68
N ASN A 15 8.78 4.31 -0.42
CA ASN A 15 8.74 5.62 0.23
C ASN A 15 8.76 5.54 1.75
N GLY A 16 8.72 4.33 2.31
CA GLY A 16 8.80 4.12 3.78
C GLY A 16 7.53 4.10 4.57
N SER A 17 6.39 4.20 3.88
N SER A 17 6.41 3.92 3.92
CA SER A 17 5.01 4.23 4.45
CA SER A 17 5.17 3.88 4.61
C SER A 17 4.12 3.22 3.69
C SER A 17 4.27 3.02 3.77
N PRO A 18 3.12 2.60 4.34
CA PRO A 18 2.67 2.80 5.70
C PRO A 18 2.98 1.65 6.63
N ARG A 19 2.99 1.94 7.92
N ARG A 19 3.06 1.93 7.93
CA ARG A 19 3.20 0.93 8.94
CA ARG A 19 3.26 0.88 8.92
C ARG A 19 1.95 0.04 9.02
C ARG A 19 1.98 0.04 9.00
N PRO A 20 2.09 -1.28 9.21
CA PRO A 20 3.30 -2.06 9.38
C PRO A 20 3.81 -2.74 8.12
N PHE A 21 3.32 -2.34 6.95
CA PHE A 21 3.85 -2.85 5.68
C PHE A 21 5.29 -2.41 5.48
N ILE A 22 5.55 -1.12 5.71
N ILE A 22 5.52 -1.13 5.73
CA ILE A 22 6.90 -0.54 5.64
CA ILE A 22 6.82 -0.47 5.60
C ILE A 22 6.99 0.50 6.73
C ILE A 22 7.00 0.55 6.71
N TYR A 23 8.15 0.53 7.39
CA TYR A 23 8.47 1.56 8.40
C TYR A 23 9.97 1.51 8.66
N GLU A 24 10.46 2.42 9.49
CA GLU A 24 11.87 2.47 9.78
C GLU A 24 12.10 2.32 11.27
N GLU A 25 13.17 1.63 11.61
CA GLU A 25 13.54 1.45 12.99
C GLU A 25 15.05 1.52 13.04
N ASN A 26 15.58 2.40 13.89
CA ASN A 26 17.03 2.56 14.03
C ASN A 26 17.70 2.91 12.70
N GLY A 27 17.03 3.77 11.93
CA GLY A 27 17.57 4.22 10.65
C GLY A 27 17.42 3.26 9.47
N GLU A 28 16.91 2.05 9.73
CA GLU A 28 16.78 1.05 8.66
C GLU A 28 15.34 0.62 8.38
N LEU A 29 15.10 0.26 7.14
CA LEU A 29 13.77 -0.19 6.68
C LEU A 29 13.40 -1.60 7.18
N THR A 30 12.16 -1.71 7.62
CA THR A 30 11.56 -2.96 8.04
C THR A 30 10.07 -2.92 7.71
N GLY A 31 9.29 -3.82 8.29
CA GLY A 31 7.89 -3.96 7.96
C GLY A 31 7.65 -5.26 7.18
N TYR A 32 6.39 -5.69 7.12
CA TYR A 32 6.02 -6.94 6.44
C TYR A 32 6.60 -7.10 5.03
N GLU A 33 6.41 -6.12 4.17
CA GLU A 33 6.85 -6.26 2.80
C GLU A 33 8.35 -6.27 2.66
N ILE A 34 9.03 -5.46 3.47
CA ILE A 34 10.48 -5.42 3.44
C ILE A 34 11.00 -6.80 3.85
N GLU A 35 10.46 -7.36 4.93
CA GLU A 35 10.95 -8.66 5.39
C GLU A 35 10.57 -9.81 4.45
N VAL A 36 9.41 -9.73 3.78
CA VAL A 36 9.06 -10.72 2.77
C VAL A 36 10.11 -10.65 1.65
N VAL A 37 10.46 -9.45 1.20
CA VAL A 37 11.44 -9.34 0.11
C VAL A 37 12.83 -9.80 0.57
N ARG A 38 13.22 -9.49 1.80
N ARG A 38 13.19 -9.51 1.81
CA ARG A 38 14.50 -9.99 2.33
CA ARG A 38 14.49 -9.96 2.32
C ARG A 38 14.51 -11.52 2.29
C ARG A 38 14.53 -11.49 2.36
N ALA A 39 13.40 -12.13 2.69
CA ALA A 39 13.32 -13.58 2.68
C ALA A 39 13.36 -14.14 1.24
N ILE A 40 12.73 -13.46 0.30
CA ILE A 40 12.78 -13.89 -1.12
C ILE A 40 14.22 -14.06 -1.61
N PHE A 41 15.06 -13.08 -1.30
CA PHE A 41 16.45 -13.08 -1.76
C PHE A 41 17.47 -13.67 -0.81
N LYS A 42 17.05 -14.08 0.38
CA LYS A 42 17.98 -14.65 1.35
C LYS A 42 18.70 -15.89 0.78
N ASP A 43 20.02 -15.85 0.83
CA ASP A 43 20.85 -16.96 0.34
C ASP A 43 20.72 -17.23 -1.17
N SER A 44 20.28 -16.23 -1.93
CA SER A 44 20.19 -16.35 -3.37
C SER A 44 21.61 -16.40 -3.92
N ASP A 45 21.88 -17.40 -4.74
N ASP A 45 21.90 -17.40 -4.73
CA ASP A 45 23.21 -17.55 -5.35
CA ASP A 45 23.22 -17.51 -5.33
C ASP A 45 23.37 -16.63 -6.56
C ASP A 45 23.37 -16.47 -6.45
N LYS A 46 22.25 -16.07 -7.03
CA LYS A 46 22.25 -15.18 -8.19
C LYS A 46 22.09 -13.71 -7.87
N TYR A 47 21.35 -13.40 -6.82
CA TYR A 47 21.02 -12.01 -6.50
C TYR A 47 21.40 -11.54 -5.11
N ASP A 48 21.64 -10.23 -5.00
CA ASP A 48 21.85 -9.54 -3.73
C ASP A 48 20.80 -8.44 -3.74
N VAL A 49 20.12 -8.23 -2.63
CA VAL A 49 19.08 -7.21 -2.57
C VAL A 49 19.54 -6.00 -1.77
N LYS A 50 19.09 -4.82 -2.20
CA LYS A 50 19.38 -3.54 -1.53
C LYS A 50 18.08 -2.71 -1.52
N PHE A 51 17.71 -2.17 -0.36
CA PHE A 51 16.52 -1.34 -0.23
C PHE A 51 16.88 0.14 -0.19
N GLU A 52 16.13 0.94 -0.93
N GLU A 52 16.11 0.94 -0.92
CA GLU A 52 16.34 2.38 -0.96
CA GLU A 52 16.31 2.38 -0.98
C GLU A 52 15.03 3.13 -0.73
C GLU A 52 15.01 3.10 -0.68
N LYS A 53 15.08 4.10 0.18
CA LYS A 53 13.93 4.96 0.47
C LYS A 53 14.01 6.18 -0.41
N THR A 54 12.89 6.52 -1.05
CA THR A 54 12.80 7.70 -1.90
C THR A 54 11.34 8.20 -1.81
N GLU A 55 11.11 9.44 -2.21
N GLU A 55 11.11 9.46 -2.10
CA GLU A 55 9.77 10.04 -2.24
CA GLU A 55 9.76 9.98 -2.03
C GLU A 55 8.88 9.12 -3.08
C GLU A 55 8.89 9.29 -3.09
N TRP A 56 7.60 9.15 -2.78
CA TRP A 56 6.62 8.42 -3.57
C TRP A 56 6.69 8.55 -5.11
N SER A 57 6.67 9.79 -5.61
CA SER A 57 6.72 9.97 -7.07
C SER A 57 8.00 9.36 -7.62
N GLY A 58 9.07 9.37 -6.82
CA GLY A 58 10.35 8.80 -7.22
C GLY A 58 10.38 7.29 -7.36
N VAL A 59 9.51 6.62 -6.62
CA VAL A 59 9.42 5.17 -6.73
C VAL A 59 9.02 4.80 -8.17
N PHE A 60 7.94 5.38 -8.66
CA PHE A 60 7.45 5.08 -10.00
C PHE A 60 8.35 5.63 -11.09
N ALA A 61 8.84 6.85 -10.90
CA ALA A 61 9.76 7.42 -11.86
C ALA A 61 11.02 6.57 -11.97
N GLY A 62 11.48 6.01 -10.87
CA GLY A 62 12.67 5.17 -10.87
C GLY A 62 12.45 3.83 -11.57
N LEU A 63 11.24 3.26 -11.41
CA LEU A 63 10.91 2.04 -12.16
C LEU A 63 10.90 2.41 -13.65
N ASP A 64 10.27 3.53 -13.98
CA ASP A 64 10.19 3.97 -15.39
C ASP A 64 11.57 4.09 -16.05
N ALA A 65 12.54 4.58 -15.28
CA ALA A 65 13.90 4.84 -15.79
C ALA A 65 14.85 3.65 -15.66
N ASP A 66 14.35 2.53 -15.13
CA ASP A 66 15.16 1.36 -14.86
C ASP A 66 16.24 1.59 -13.79
N ARG A 67 16.01 2.58 -12.93
N ARG A 67 15.99 2.56 -12.92
CA ARG A 67 16.89 2.86 -11.81
CA ARG A 67 16.88 2.88 -11.82
C ARG A 67 16.65 1.80 -10.74
C ARG A 67 16.61 1.93 -10.65
N TYR A 68 15.38 1.42 -10.58
CA TYR A 68 14.97 0.44 -9.58
C TYR A 68 14.48 -0.82 -10.28
N ASN A 69 14.77 -1.97 -9.71
CA ASN A 69 14.26 -3.22 -10.24
C ASN A 69 12.86 -3.56 -9.74
N MET A 70 12.59 -3.23 -8.48
N MET A 70 12.58 -3.22 -8.49
CA MET A 70 11.32 -3.52 -7.84
CA MET A 70 11.30 -3.51 -7.87
C MET A 70 10.89 -2.40 -6.90
C MET A 70 10.89 -2.40 -6.92
N ALA A 71 9.64 -2.48 -6.44
CA ALA A 71 9.11 -1.54 -5.45
C ALA A 71 8.14 -2.27 -4.57
N VAL A 72 8.17 -1.94 -3.27
CA VAL A 72 7.13 -2.35 -2.30
C VAL A 72 6.65 -1.09 -1.59
N ASN A 73 5.35 -0.92 -1.53
CA ASN A 73 4.80 0.29 -0.96
C ASN A 73 3.28 0.13 -0.75
N ASN A 74 2.88 -1.00 -0.21
CA ASN A 74 1.45 -1.30 0.01
C ASN A 74 0.67 -1.13 -1.28
N LEU A 75 1.20 -1.68 -2.37
CA LEU A 75 0.69 -1.40 -3.70
C LEU A 75 -0.44 -2.31 -4.18
N SER A 76 -1.52 -1.67 -4.61
CA SER A 76 -2.69 -2.34 -5.16
C SER A 76 -2.60 -2.51 -6.67
N TYR A 77 -3.44 -3.38 -7.21
CA TYR A 77 -3.54 -3.55 -8.65
C TYR A 77 -4.42 -2.53 -9.32
N THR A 78 -3.95 -1.97 -10.44
CA THR A 78 -4.81 -1.17 -11.32
C THR A 78 -4.40 -1.51 -12.75
N LYS A 79 -5.33 -1.40 -13.69
CA LYS A 79 -5.03 -1.64 -15.10
C LYS A 79 -3.96 -0.69 -15.61
N GLU A 80 -4.03 0.57 -15.20
N GLU A 80 -4.05 0.57 -15.19
CA GLU A 80 -3.07 1.58 -15.64
CA GLU A 80 -3.11 1.63 -15.58
C GLU A 80 -1.65 1.26 -15.18
C GLU A 80 -1.68 1.29 -15.17
N ARG A 81 -1.50 0.82 -13.94
CA ARG A 81 -0.19 0.43 -13.44
C ARG A 81 0.31 -0.80 -14.19
N ALA A 82 -0.58 -1.77 -14.42
CA ALA A 82 -0.19 -3.00 -15.12
C ALA A 82 0.32 -2.75 -16.55
N GLU A 83 -0.11 -1.65 -17.16
CA GLU A 83 0.35 -1.28 -18.50
C GLU A 83 1.80 -0.78 -18.50
N LYS A 84 2.28 -0.33 -17.33
CA LYS A 84 3.62 0.22 -17.22
C LYS A 84 4.60 -0.62 -16.43
N TYR A 85 4.09 -1.46 -15.53
CA TYR A 85 4.93 -2.25 -14.63
C TYR A 85 4.48 -3.69 -14.55
N LEU A 86 5.38 -4.56 -14.10
CA LEU A 86 5.02 -5.95 -13.89
C LEU A 86 4.55 -6.09 -12.46
N TYR A 87 3.58 -6.97 -12.23
CA TYR A 87 3.08 -7.30 -10.90
C TYR A 87 3.59 -8.67 -10.53
N ALA A 88 4.22 -8.78 -9.38
CA ALA A 88 4.60 -10.10 -8.85
C ALA A 88 3.34 -10.72 -8.21
N ALA A 89 3.43 -11.98 -7.75
CA ALA A 89 2.33 -12.60 -7.06
C ALA A 89 1.95 -11.75 -5.82
N PRO A 90 0.66 -11.75 -5.44
CA PRO A 90 0.24 -10.99 -4.25
C PRO A 90 0.78 -11.59 -2.97
N ILE A 91 1.01 -10.72 -1.98
CA ILE A 91 1.61 -11.13 -0.70
C ILE A 91 0.75 -10.79 0.52
N ALA A 92 -0.35 -10.07 0.35
CA ALA A 92 -1.24 -9.79 1.48
C ALA A 92 -2.62 -9.45 0.96
N GLN A 93 -3.59 -9.58 1.85
CA GLN A 93 -4.99 -9.25 1.57
C GLN A 93 -5.43 -8.33 2.69
N ASN A 94 -5.97 -7.17 2.31
CA ASN A 94 -6.32 -6.13 3.26
C ASN A 94 -7.47 -5.27 2.74
N PRO A 95 -8.67 -5.39 3.34
CA PRO A 95 -9.83 -4.67 2.80
C PRO A 95 -9.83 -3.15 2.98
N ASN A 96 -10.64 -2.48 2.19
CA ASN A 96 -10.79 -1.05 2.22
C ASN A 96 -11.76 -0.55 3.28
N VAL A 97 -11.49 0.62 3.82
CA VAL A 97 -12.36 1.25 4.82
C VAL A 97 -12.45 2.77 4.62
N LEU A 98 -13.49 3.38 5.19
CA LEU A 98 -13.82 4.78 5.21
C LEU A 98 -13.74 5.21 6.67
N VAL A 99 -12.98 6.25 6.97
CA VAL A 99 -12.81 6.74 8.31
C VAL A 99 -13.43 8.14 8.45
N VAL A 100 -14.21 8.33 9.52
N VAL A 100 -14.21 8.30 9.53
CA VAL A 100 -14.87 9.59 9.82
CA VAL A 100 -14.93 9.54 9.83
C VAL A 100 -14.79 9.81 11.33
C VAL A 100 -14.88 9.77 11.35
N LYS A 101 -15.14 11.00 11.79
CA LYS A 101 -15.21 11.25 13.22
C LYS A 101 -16.42 10.50 13.80
N LYS A 102 -16.26 9.90 14.97
CA LYS A 102 -17.36 9.17 15.62
C LYS A 102 -18.61 10.04 15.87
N ASP A 103 -18.41 11.34 16.08
CA ASP A 103 -19.54 12.26 16.35
C ASP A 103 -20.20 12.81 15.10
N ASP A 104 -19.75 12.37 13.93
CA ASP A 104 -20.31 12.82 12.67
C ASP A 104 -21.24 11.77 12.10
N SER A 105 -22.55 12.03 12.18
CA SER A 105 -23.53 11.12 11.62
C SER A 105 -23.87 11.42 10.14
N SER A 106 -23.28 12.47 9.57
CA SER A 106 -23.59 12.85 8.18
C SER A 106 -22.89 11.99 7.14
N ILE A 107 -21.85 11.26 7.51
CA ILE A 107 -21.17 10.36 6.57
C ILE A 107 -21.28 8.93 7.10
N LYS A 108 -22.11 8.11 6.45
CA LYS A 108 -22.31 6.72 6.81
C LYS A 108 -21.82 5.76 5.71
N SER A 109 -21.59 6.27 4.52
CA SER A 109 -21.12 5.42 3.41
C SER A 109 -20.42 6.30 2.38
N LEU A 110 -19.90 5.66 1.34
N LEU A 110 -19.85 5.69 1.36
CA LEU A 110 -19.22 6.35 0.24
CA LEU A 110 -19.20 6.47 0.30
C LEU A 110 -20.18 7.20 -0.59
C LEU A 110 -20.19 7.40 -0.38
N ASP A 111 -21.48 7.03 -0.38
CA ASP A 111 -22.49 7.80 -1.08
C ASP A 111 -22.68 9.20 -0.46
N ASP A 112 -22.13 9.38 0.72
CA ASP A 112 -22.29 10.63 1.49
C ASP A 112 -21.15 11.64 1.38
N ILE A 113 -20.18 11.43 0.49
CA ILE A 113 -18.97 12.26 0.46
C ILE A 113 -19.14 13.57 -0.37
N GLY A 114 -20.26 13.74 -1.04
CA GLY A 114 -20.50 14.96 -1.83
C GLY A 114 -20.47 16.17 -0.91
N GLY A 115 -19.68 17.17 -1.27
CA GLY A 115 -19.59 18.39 -0.48
C GLY A 115 -18.74 18.24 0.78
N LYS A 116 -18.17 17.06 1.02
CA LYS A 116 -17.33 16.78 2.16
C LYS A 116 -15.88 16.73 1.72
N SER A 117 -14.97 16.98 2.64
CA SER A 117 -13.55 17.10 2.32
C SER A 117 -12.66 15.95 2.81
N THR A 118 -11.59 15.74 2.06
CA THR A 118 -10.57 14.74 2.37
C THR A 118 -9.21 15.20 1.87
N GLU A 119 -8.18 14.46 2.26
CA GLU A 119 -6.79 14.68 1.82
C GLU A 119 -6.29 13.38 1.22
N VAL A 120 -5.78 13.48 -0.01
CA VAL A 120 -5.32 12.34 -0.78
C VAL A 120 -3.91 12.60 -1.38
N VAL A 121 -3.24 11.50 -1.74
CA VAL A 121 -1.91 11.52 -2.32
C VAL A 121 -1.99 11.18 -3.80
N GLN A 122 -1.28 11.97 -4.61
N GLN A 122 -1.42 12.02 -4.68
CA GLN A 122 -1.21 11.78 -6.04
CA GLN A 122 -1.51 11.76 -6.11
C GLN A 122 -0.87 10.33 -6.40
C GLN A 122 -0.90 10.42 -6.46
N ALA A 123 -1.54 9.80 -7.43
CA ALA A 123 -1.19 8.49 -8.00
C ALA A 123 -1.52 7.29 -7.15
N THR A 124 -2.19 7.50 -6.03
CA THR A 124 -2.70 6.40 -5.23
C THR A 124 -4.04 5.90 -5.77
N THR A 125 -4.37 4.66 -5.43
CA THR A 125 -5.63 4.10 -5.92
C THR A 125 -6.83 4.87 -5.34
N SER A 126 -6.79 5.28 -4.08
CA SER A 126 -7.92 6.02 -3.51
C SER A 126 -8.09 7.37 -4.20
N ALA A 127 -6.99 8.06 -4.52
CA ALA A 127 -7.11 9.32 -5.26
C ALA A 127 -7.78 9.11 -6.61
N LYS A 128 -7.41 8.03 -7.29
N LYS A 128 -7.33 8.08 -7.33
CA LYS A 128 -8.00 7.71 -8.58
CA LYS A 128 -7.86 7.79 -8.66
C LYS A 128 -9.50 7.42 -8.42
C LYS A 128 -9.34 7.51 -8.57
N GLN A 129 -9.87 6.63 -7.41
N GLN A 129 -9.72 6.77 -7.52
CA GLN A 129 -11.29 6.33 -7.21
CA GLN A 129 -11.12 6.41 -7.28
C GLN A 129 -12.09 7.61 -6.97
C GLN A 129 -11.97 7.65 -7.09
N LEU A 130 -11.54 8.53 -6.21
CA LEU A 130 -12.27 9.77 -5.87
C LEU A 130 -12.31 10.76 -7.05
N GLU A 131 -11.25 10.78 -7.84
CA GLU A 131 -11.22 11.58 -9.05
C GLU A 131 -12.35 11.11 -9.96
N ALA A 132 -12.51 9.79 -10.08
CA ALA A 132 -13.56 9.21 -10.92
C ALA A 132 -14.94 9.48 -10.32
N TYR A 133 -15.06 9.42 -8.99
CA TYR A 133 -16.32 9.77 -8.32
C TYR A 133 -16.72 11.20 -8.71
N ASN A 134 -15.78 12.13 -8.71
CA ASN A 134 -16.07 13.52 -9.07
C ASN A 134 -16.47 13.70 -10.52
N ALA A 135 -15.89 12.90 -11.42
CA ALA A 135 -16.26 12.97 -12.82
C ALA A 135 -17.69 12.53 -13.06
N GLU A 136 -18.19 11.65 -12.18
CA GLU A 136 -19.57 11.15 -12.27
C GLU A 136 -20.56 12.08 -11.56
N HIS A 137 -20.17 12.59 -10.43
CA HIS A 137 -21.00 13.43 -9.56
C HIS A 137 -20.60 14.89 -9.65
N THR A 138 -20.67 15.43 -10.86
CA THR A 138 -20.28 16.83 -11.13
C THR A 138 -21.15 17.92 -10.44
N ASP A 139 -22.39 17.55 -10.10
CA ASP A 139 -23.27 18.46 -9.41
C ASP A 139 -22.94 18.68 -7.93
N ASN A 140 -22.26 17.71 -7.31
CA ASN A 140 -21.95 17.79 -5.89
C ASN A 140 -20.72 16.97 -5.63
N PRO A 141 -19.57 17.46 -6.13
CA PRO A 141 -18.36 16.70 -6.00
C PRO A 141 -17.84 16.66 -4.56
N THR A 142 -17.03 15.66 -4.25
CA THR A 142 -16.29 15.65 -3.01
C THR A 142 -15.12 16.63 -3.16
N ILE A 143 -14.63 17.13 -2.03
CA ILE A 143 -13.56 18.12 -2.01
C ILE A 143 -12.23 17.42 -1.73
N LEU A 144 -11.39 17.36 -2.78
CA LEU A 144 -10.07 16.72 -2.65
C LEU A 144 -8.98 17.72 -2.50
N ASN A 145 -8.25 17.65 -1.42
CA ASN A 145 -7.02 18.42 -1.27
C ASN A 145 -5.84 17.43 -1.29
N TYR A 146 -5.04 17.55 -2.34
CA TYR A 146 -3.89 16.69 -2.50
C TYR A 146 -2.76 17.14 -1.57
N THR A 147 -2.04 16.15 -1.07
CA THR A 147 -0.96 16.35 -0.11
C THR A 147 0.17 15.37 -0.36
N LYS A 148 1.37 15.75 0.07
CA LYS A 148 2.50 14.81 0.03
C LYS A 148 2.78 14.22 1.41
N ALA A 149 1.96 14.54 2.39
CA ALA A 149 2.13 13.96 3.73
C ALA A 149 1.88 12.45 3.71
N ASP A 150 2.49 11.73 4.67
CA ASP A 150 2.20 10.30 4.74
C ASP A 150 0.94 9.99 5.55
N PHE A 151 0.57 8.75 5.48
CA PHE A 151 -0.70 8.33 6.01
C PHE A 151 -0.95 8.71 7.44
N GLN A 152 0.04 8.45 8.31
CA GLN A 152 -0.16 8.77 9.73
C GLN A 152 -0.55 10.24 9.92
N GLN A 153 0.20 11.12 9.25
CA GLN A 153 -0.06 12.57 9.36
C GLN A 153 -1.49 12.91 8.89
N ILE A 154 -1.93 12.30 7.80
CA ILE A 154 -3.26 12.54 7.27
C ILE A 154 -4.32 12.13 8.30
N MET A 155 -4.15 10.94 8.90
CA MET A 155 -5.09 10.48 9.96
C MET A 155 -5.12 11.43 11.16
N VAL A 156 -3.96 11.89 11.56
CA VAL A 156 -3.88 12.87 12.66
C VAL A 156 -4.65 14.15 12.31
N ARG A 157 -4.50 14.63 11.08
CA ARG A 157 -5.24 15.83 10.65
C ARG A 157 -6.75 15.59 10.67
N LEU A 158 -7.19 14.40 10.30
CA LEU A 158 -8.61 14.05 10.34
C LEU A 158 -9.08 14.09 11.80
N SER A 159 -8.32 13.48 12.70
CA SER A 159 -8.63 13.53 14.11
C SER A 159 -8.62 14.98 14.64
N ASP A 160 -7.74 15.83 14.08
N ASP A 160 -7.78 15.84 14.08
CA ASP A 160 -7.65 17.27 14.43
CA ASP A 160 -7.72 17.23 14.51
C ASP A 160 -8.84 18.08 13.90
C ASP A 160 -8.79 18.10 13.82
N GLY A 161 -9.72 17.47 13.11
CA GLY A 161 -10.84 18.18 12.47
C GLY A 161 -10.51 19.04 11.26
N GLN A 162 -9.40 18.76 10.58
CA GLN A 162 -8.97 19.55 9.43
C GLN A 162 -9.79 19.27 8.17
N PHE A 163 -10.47 18.12 8.13
CA PHE A 163 -11.30 17.72 7.00
C PHE A 163 -12.25 16.62 7.47
N ASP A 164 -13.13 16.14 6.60
CA ASP A 164 -14.27 15.29 7.00
C ASP A 164 -14.07 13.77 7.01
N TYR A 165 -13.30 13.22 6.08
CA TYR A 165 -13.18 11.77 5.96
C TYR A 165 -11.86 11.35 5.37
N LYS A 166 -11.52 10.05 5.47
CA LYS A 166 -10.36 9.50 4.82
C LYS A 166 -10.63 8.06 4.43
N ILE A 167 -10.41 7.71 3.19
CA ILE A 167 -10.47 6.35 2.71
C ILE A 167 -9.07 5.72 2.70
N PHE A 168 -8.95 4.49 3.22
CA PHE A 168 -7.70 3.78 3.19
C PHE A 168 -7.99 2.29 3.35
N ASP A 169 -7.16 1.56 4.09
CA ASP A 169 -7.34 0.14 4.27
C ASP A 169 -7.34 -0.24 5.73
N LYS A 170 -7.83 -1.44 6.01
CA LYS A 170 -8.04 -1.88 7.37
C LYS A 170 -6.80 -1.89 8.25
N ILE A 171 -5.77 -2.59 7.80
CA ILE A 171 -4.54 -2.71 8.57
C ILE A 171 -3.91 -1.35 8.80
N GLY A 172 -3.79 -0.54 7.77
CA GLY A 172 -3.14 0.75 7.96
C GLY A 172 -3.90 1.66 8.92
N VAL A 173 -5.22 1.66 8.82
CA VAL A 173 -6.06 2.45 9.71
C VAL A 173 -6.00 1.97 11.15
N GLU A 174 -6.15 0.68 11.36
N GLU A 174 -6.17 0.69 11.38
CA GLU A 174 -6.15 0.13 12.71
CA GLU A 174 -6.18 0.21 12.77
C GLU A 174 -4.82 0.42 13.40
C GLU A 174 -4.82 0.42 13.42
N THR A 175 -3.74 0.30 12.65
CA THR A 175 -2.39 0.51 13.17
C THR A 175 -2.23 1.94 13.72
N VAL A 176 -2.64 2.93 12.93
CA VAL A 176 -2.53 4.33 13.36
C VAL A 176 -3.52 4.66 14.48
N ILE A 177 -4.74 4.14 14.39
CA ILE A 177 -5.67 4.40 15.47
C ILE A 177 -5.10 3.90 16.80
N LYS A 178 -4.50 2.71 16.80
CA LYS A 178 -3.93 2.17 18.03
C LYS A 178 -2.69 2.95 18.45
N ASN A 179 -1.72 3.08 17.54
CA ASN A 179 -0.43 3.69 17.92
C ASN A 179 -0.55 5.16 18.28
N GLN A 180 -1.36 5.90 17.57
CA GLN A 180 -1.50 7.34 17.79
C GLN A 180 -2.63 7.70 18.75
N GLY A 181 -3.37 6.71 19.22
CA GLY A 181 -4.45 6.94 20.17
C GLY A 181 -5.60 7.76 19.60
N LEU A 182 -5.89 7.53 18.33
CA LEU A 182 -6.98 8.26 17.64
C LEU A 182 -8.32 7.54 17.92
N ASP A 183 -8.80 7.74 19.13
CA ASP A 183 -9.99 7.10 19.60
C ASP A 183 -11.28 7.92 19.31
N ASN A 184 -11.19 8.97 18.47
CA ASN A 184 -12.41 9.75 18.05
C ASN A 184 -12.81 9.41 16.63
N LEU A 185 -12.16 8.41 16.08
CA LEU A 185 -12.40 8.03 14.69
C LEU A 185 -13.17 6.73 14.60
N LYS A 186 -14.13 6.74 13.70
CA LYS A 186 -14.98 5.63 13.38
C LYS A 186 -14.57 5.01 12.04
N VAL A 187 -14.62 3.70 11.94
CA VAL A 187 -14.20 2.92 10.77
C VAL A 187 -15.41 2.23 10.17
N ILE A 188 -15.64 2.50 8.89
CA ILE A 188 -16.74 1.94 8.14
C ILE A 188 -16.17 1.04 7.03
N GLU A 189 -16.65 -0.18 6.97
N GLU A 189 -16.63 -0.19 6.98
CA GLU A 189 -16.24 -1.14 5.94
CA GLU A 189 -16.19 -1.18 5.97
C GLU A 189 -16.68 -0.66 4.56
C GLU A 189 -16.71 -0.83 4.57
N LEU A 190 -15.82 -0.85 3.57
CA LEU A 190 -16.15 -0.52 2.16
C LEU A 190 -16.07 -1.76 1.27
N PRO A 191 -16.94 -1.84 0.24
CA PRO A 191 -16.88 -2.99 -0.67
C PRO A 191 -15.66 -2.96 -1.58
N SER A 192 -15.51 -4.02 -2.36
CA SER A 192 -14.42 -4.11 -3.32
C SER A 192 -14.85 -4.94 -4.53
N ASP A 193 -14.59 -4.41 -5.71
CA ASP A 193 -14.88 -5.08 -6.97
C ASP A 193 -13.86 -6.20 -7.16
N GLN A 194 -12.60 -5.88 -6.88
CA GLN A 194 -11.51 -6.83 -7.01
C GLN A 194 -10.99 -7.26 -5.64
N GLN A 195 -10.24 -8.35 -5.61
CA GLN A 195 -9.64 -8.81 -4.37
C GLN A 195 -8.69 -7.74 -3.89
N PRO A 196 -8.79 -7.34 -2.61
CA PRO A 196 -7.92 -6.27 -2.13
C PRO A 196 -6.53 -6.78 -1.80
N TYR A 197 -5.76 -7.13 -2.83
CA TYR A 197 -4.44 -7.65 -2.62
C TYR A 197 -3.34 -6.59 -2.73
N VAL A 198 -2.22 -6.87 -2.07
CA VAL A 198 -1.01 -6.03 -2.04
C VAL A 198 0.08 -6.82 -2.78
N TYR A 199 0.83 -6.13 -3.65
CA TYR A 199 1.79 -6.79 -4.53
C TYR A 199 3.12 -6.04 -4.64
N PRO A 200 4.23 -6.79 -4.75
CA PRO A 200 5.47 -6.14 -5.17
C PRO A 200 5.33 -5.80 -6.67
N LEU A 201 5.91 -4.69 -7.09
N LEU A 201 5.95 -4.71 -7.09
CA LEU A 201 5.93 -4.29 -8.52
CA LEU A 201 5.99 -4.32 -8.49
C LEU A 201 7.36 -4.35 -9.04
C LEU A 201 7.39 -4.55 -9.00
N LEU A 202 7.52 -4.71 -10.32
CA LEU A 202 8.83 -4.77 -10.94
C LEU A 202 8.81 -3.87 -12.16
N ALA A 203 9.97 -3.37 -12.56
CA ALA A 203 10.09 -2.58 -13.78
C ALA A 203 9.78 -3.44 -14.98
N GLN A 204 9.22 -2.81 -16.02
CA GLN A 204 8.92 -3.50 -17.25
C GLN A 204 10.24 -4.05 -17.76
N GLY A 205 10.23 -5.29 -18.25
CA GLY A 205 11.46 -5.92 -18.73
C GLY A 205 12.18 -6.78 -17.70
N GLN A 206 11.76 -6.73 -16.44
CA GLN A 206 12.34 -7.57 -15.38
C GLN A 206 11.58 -8.91 -15.33
N ASP A 207 11.42 -9.53 -16.50
CA ASP A 207 10.64 -10.76 -16.65
C ASP A 207 11.26 -11.98 -15.98
N GLU A 208 12.58 -12.14 -16.13
CA GLU A 208 13.28 -13.24 -15.48
C GLU A 208 13.23 -13.07 -13.96
N LEU A 209 13.38 -11.83 -13.51
CA LEU A 209 13.31 -11.52 -12.08
C LEU A 209 11.93 -11.86 -11.53
N LYS A 210 10.88 -11.47 -12.26
CA LYS A 210 9.52 -11.78 -11.85
C LYS A 210 9.31 -13.30 -11.67
N SER A 211 9.86 -14.11 -12.58
N SER A 211 9.86 -14.10 -12.58
CA SER A 211 9.71 -15.56 -12.47
CA SER A 211 9.75 -15.55 -12.50
C SER A 211 10.32 -16.08 -11.16
C SER A 211 10.32 -16.07 -11.19
N PHE A 212 11.50 -15.58 -10.82
CA PHE A 212 12.15 -15.96 -9.56
C PHE A 212 11.36 -15.48 -8.35
N VAL A 213 10.91 -14.22 -8.37
CA VAL A 213 10.18 -13.68 -7.24
C VAL A 213 8.87 -14.45 -7.02
N ASP A 214 8.14 -14.72 -8.09
CA ASP A 214 6.89 -15.46 -8.00
C ASP A 214 7.14 -16.87 -7.42
N LYS A 215 8.16 -17.55 -7.93
CA LYS A 215 8.52 -18.85 -7.41
C LYS A 215 8.81 -18.80 -5.91
N ARG A 216 9.57 -17.80 -5.49
CA ARG A 216 9.92 -17.65 -4.07
C ARG A 216 8.72 -17.31 -3.18
N ILE A 217 7.84 -16.43 -3.65
CA ILE A 217 6.65 -16.09 -2.87
C ILE A 217 5.84 -17.37 -2.58
N LYS A 218 5.65 -18.23 -3.59
CA LYS A 218 4.91 -19.50 -3.42
C LYS A 218 5.61 -20.39 -2.40
N GLU A 219 6.94 -20.47 -2.50
CA GLU A 219 7.73 -21.25 -1.55
C GLU A 219 7.58 -20.74 -0.12
N LEU A 220 7.63 -19.42 0.06
CA LEU A 220 7.49 -18.80 1.39
C LEU A 220 6.07 -18.96 1.94
N TYR A 221 5.08 -19.10 1.06
CA TYR A 221 3.74 -19.39 1.52
C TYR A 221 3.70 -20.82 2.08
N LYS A 222 4.21 -21.76 1.28
CA LYS A 222 4.21 -23.18 1.66
C LYS A 222 5.03 -23.52 2.91
N ASP A 223 6.15 -22.85 3.14
CA ASP A 223 6.93 -23.17 4.34
C ASP A 223 6.48 -22.43 5.60
N GLY A 224 5.40 -21.62 5.49
CA GLY A 224 4.87 -20.89 6.63
C GLY A 224 5.47 -19.53 6.92
N THR A 225 6.46 -19.10 6.14
CA THR A 225 7.11 -17.80 6.37
C THR A 225 6.14 -16.62 6.22
N LEU A 226 5.34 -16.61 5.15
CA LEU A 226 4.39 -15.50 4.97
C LEU A 226 3.43 -15.39 6.15
N GLU A 227 2.93 -16.52 6.63
CA GLU A 227 2.02 -16.51 7.79
C GLU A 227 2.74 -16.03 9.04
N LYS A 228 3.97 -16.50 9.24
CA LYS A 228 4.77 -16.07 10.38
C LYS A 228 4.97 -14.54 10.37
N LEU A 229 5.37 -14.00 9.23
CA LEU A 229 5.60 -12.55 9.11
C LEU A 229 4.29 -11.76 9.21
N SER A 230 3.21 -12.30 8.66
CA SER A 230 1.89 -11.64 8.79
C SER A 230 1.51 -11.51 10.27
N LYS A 231 1.63 -12.60 11.04
CA LYS A 231 1.31 -12.52 12.46
C LYS A 231 2.23 -11.56 13.20
N GLN A 232 3.52 -11.58 12.87
CA GLN A 232 4.50 -10.70 13.52
C GLN A 232 4.15 -9.22 13.34
N PHE A 233 3.88 -8.83 12.11
CA PHE A 233 3.64 -7.42 11.80
C PHE A 233 2.20 -6.96 11.91
N PHE A 234 1.26 -7.85 11.62
CA PHE A 234 -0.15 -7.46 11.60
C PHE A 234 -0.99 -8.02 12.74
N GLY A 235 -0.48 -9.02 13.46
CA GLY A 235 -1.19 -9.63 14.60
C GLY A 235 -2.14 -10.76 14.26
N ASP A 236 -2.27 -11.07 12.97
CA ASP A 236 -3.10 -12.17 12.50
C ASP A 236 -2.65 -12.49 11.07
N THR A 237 -3.26 -13.49 10.45
CA THR A 237 -2.92 -13.92 9.10
C THR A 237 -3.79 -13.15 8.10
N TYR A 238 -3.14 -12.37 7.24
CA TYR A 238 -3.84 -11.56 6.22
C TYR A 238 -3.26 -11.87 4.85
N LEU A 239 -3.46 -13.10 4.39
CA LEU A 239 -2.87 -13.57 3.13
C LEU A 239 -3.89 -13.82 2.05
N PRO A 240 -3.47 -13.74 0.79
CA PRO A 240 -4.40 -14.10 -0.27
C PRO A 240 -4.68 -15.60 -0.23
N ALA A 241 -5.80 -16.03 -0.81
CA ALA A 241 -6.11 -17.45 -0.89
C ALA A 241 -4.96 -18.12 -1.64
N GLU A 242 -4.60 -19.35 -1.28
CA GLU A 242 -3.45 -20.00 -1.93
C GLU A 242 -3.59 -20.03 -3.45
N ALA A 243 -4.80 -20.29 -3.94
CA ALA A 243 -5.05 -20.36 -5.38
C ALA A 243 -4.75 -19.05 -6.12
N ASP A 244 -4.80 -17.91 -5.42
CA ASP A 244 -4.51 -16.63 -6.05
C ASP A 244 -3.08 -16.19 -5.88
N ILE A 245 -2.26 -16.99 -5.20
CA ILE A 245 -0.87 -16.60 -4.98
C ILE A 245 -0.05 -17.00 -6.22
N LYS A 246 -0.16 -16.15 -7.24
CA LYS A 246 0.54 -16.33 -8.52
C LYS A 246 0.31 -15.14 -9.45
N1 GSH B . -2.82 0.69 -1.79
CA1 GSH B . -2.82 2.10 -2.27
C1 GSH B . -2.19 2.22 -3.62
O11 GSH B . -1.74 1.18 -4.14
O12 GSH B . -2.12 3.31 -4.18
CB1 GSH B . -2.07 3.04 -1.29
CG1 GSH B . -0.54 2.80 -1.30
CD1 GSH B . 0.11 3.44 -0.08
OE1 GSH B . -0.09 2.94 1.09
N2 GSH B . 0.89 4.52 -0.25
CA2 GSH B . 1.62 5.07 0.85
C2 GSH B . 0.73 5.87 1.76
O2 GSH B . 1.14 6.11 3.01
CB2 GSH B . 2.74 5.96 0.34
SG2 GSH B . 2.22 7.28 -0.79
N3 GSH B . -0.45 6.36 1.31
CA3 GSH B . -1.25 7.24 2.14
C3 GSH B . -2.51 7.63 1.42
O31 GSH B . -3.22 8.47 2.02
O32 GSH B . -2.73 7.13 0.26
#